data_8IHY
#
_entry.id   8IHY
#
_cell.length_a   53.360
_cell.length_b   71.639
_cell.length_c   55.184
_cell.angle_alpha   90.000
_cell.angle_beta   114.037
_cell.angle_gamma   90.000
#
_symmetry.space_group_name_H-M   'P 1 21 1'
#
loop_
_entity.id
_entity.type
_entity.pdbx_description
1 polymer Endoglucanase
2 non-polymer 'MAGNESIUM ION'
3 non-polymer 'CALCIUM ION'
4 non-polymer 'SODIUM ION'
5 non-polymer GLYCEROL
6 water water
#
_entity_poly.entity_id   1
_entity_poly.type   'polypeptide(L)'
_entity_poly.pdbx_seq_one_letter_code
;EAEFQYNYDEVLEKSILFYEAERSGDLPANNRIPYRGDSALGDQGNQGQDLTGGWYDAGDHVKFGFPMAFATTTLAWGIL
EFRDGYEAAGQYNLALDSIRWTLNYFLKAHVSDNEFYGQVGDANTDHAYWGRPEDMTMERPAWSISPSAPGSDLAAETAA
ALAAGYLVFRDSDAAFANNLLAHSRTLYDFALNNRGIYSQSISNAAGFYASSAYEDELAWGAAWLYRATEEQEYLDRAYE
FGTTTNTAWAYDWNEKIVGYQLLLTTSAGQTDFLPRVENFLRNWFPGGSVQYTPLGLAWLAQWGPNRYAANAAFIALVSA
KYNILASESEQFARSQIHYMLGDAGRSYVVGFGNNPPQQPHHRSSSCPDEPAECDWDEFNQPGPNYQILYGALVGGPDQN
DQFEDLRSDYIRNEVANDYNAGFQGAVAALRAIQLRDGKFLEQKLISEEDLNSAVDHHHHHH
;
_entity_poly.pdbx_strand_id   A
#
loop_
_chem_comp.id
_chem_comp.type
_chem_comp.name
_chem_comp.formula
CA non-polymer 'CALCIUM ION' 'Ca 2'
GOL non-polymer GLYCEROL 'C3 H8 O3'
MG non-polymer 'MAGNESIUM ION' 'Mg 2'
NA non-polymer 'SODIUM ION' 'Na 1'
#
# COMPACT_ATOMS: atom_id res chain seq x y z
N TYR A 6 -21.34 -10.33 1.30
CA TYR A 6 -19.98 -10.71 0.88
C TYR A 6 -19.23 -11.39 2.01
N ASN A 7 -18.46 -12.41 1.64
CA ASN A 7 -17.63 -13.15 2.58
C ASN A 7 -16.34 -12.38 2.81
N TYR A 8 -16.32 -11.55 3.85
CA TYR A 8 -15.12 -10.76 4.12
C TYR A 8 -13.94 -11.64 4.51
N ASP A 9 -14.19 -12.79 5.16
CA ASP A 9 -13.10 -13.69 5.50
C ASP A 9 -12.34 -14.09 4.26
N GLU A 10 -13.08 -14.42 3.19
CA GLU A 10 -12.47 -14.84 1.94
C GLU A 10 -11.77 -13.67 1.26
N VAL A 11 -12.37 -12.48 1.30
CA VAL A 11 -11.73 -11.31 0.72
C VAL A 11 -10.39 -11.04 1.40
N LEU A 12 -10.37 -11.08 2.74
CA LEU A 12 -9.12 -10.85 3.47
C LEU A 12 -8.08 -11.91 3.12
N GLU A 13 -8.47 -13.18 3.14
CA GLU A 13 -7.58 -14.27 2.76
C GLU A 13 -6.96 -14.03 1.39
N LYS A 14 -7.79 -13.64 0.42
CA LYS A 14 -7.28 -13.50 -0.93
C LYS A 14 -6.48 -12.22 -1.10
N SER A 15 -6.86 -11.13 -0.41
CA SER A 15 -6.04 -9.92 -0.48
C SER A 15 -4.62 -10.20 0.02
N ILE A 16 -4.49 -10.96 1.11
CA ILE A 16 -3.16 -11.29 1.61
C ILE A 16 -2.44 -12.20 0.63
N LEU A 17 -3.18 -13.09 -0.06
CA LEU A 17 -2.57 -13.89 -1.12
C LEU A 17 -2.05 -13.04 -2.28
N PHE A 18 -2.72 -11.93 -2.61
CA PHE A 18 -2.18 -11.02 -3.61
C PHE A 18 -0.80 -10.53 -3.20
N TYR A 19 -0.66 -10.05 -1.97
CA TYR A 19 0.65 -9.61 -1.53
C TYR A 19 1.67 -10.74 -1.57
N GLU A 20 1.25 -11.97 -1.24
CA GLU A 20 2.20 -13.08 -1.28
C GLU A 20 2.65 -13.35 -2.70
N ALA A 21 1.74 -13.20 -3.68
CA ALA A 21 2.09 -13.36 -5.08
C ALA A 21 3.01 -12.25 -5.59
N GLU A 22 3.12 -11.14 -4.85
CA GLU A 22 4.03 -10.06 -5.22
C GLU A 22 5.43 -10.23 -4.61
N ARG A 23 5.67 -11.28 -3.84
CA ARG A 23 6.94 -11.37 -3.13
C ARG A 23 8.11 -11.58 -4.10
N SER A 24 9.18 -10.83 -3.86
CA SER A 24 10.47 -11.02 -4.49
C SER A 24 11.39 -11.80 -3.56
N GLY A 25 12.36 -12.49 -4.15
CA GLY A 25 13.41 -13.07 -3.34
C GLY A 25 13.30 -14.55 -3.09
N ASP A 26 13.86 -14.99 -1.97
CA ASP A 26 13.94 -16.39 -1.57
C ASP A 26 12.65 -16.78 -0.86
N LEU A 27 11.78 -17.53 -1.54
CA LEU A 27 10.45 -17.76 -0.99
C LEU A 27 10.47 -18.85 0.07
N PRO A 28 9.58 -18.76 1.07
CA PRO A 28 9.61 -19.72 2.17
C PRO A 28 9.06 -21.08 1.77
N ALA A 29 9.39 -22.08 2.59
CA ALA A 29 8.92 -23.45 2.34
C ALA A 29 7.41 -23.53 2.28
N ASN A 30 6.71 -22.68 3.03
CA ASN A 30 5.25 -22.73 3.06
C ASN A 30 4.61 -21.75 2.08
N ASN A 31 5.33 -21.32 1.05
CA ASN A 31 4.78 -20.50 -0.02
C ASN A 31 3.44 -21.04 -0.48
N ARG A 32 2.43 -20.16 -0.53
CA ARG A 32 1.09 -20.56 -0.92
C ARG A 32 0.76 -20.27 -2.39
N ILE A 33 1.69 -19.66 -3.14
CA ILE A 33 1.42 -19.29 -4.53
C ILE A 33 2.18 -20.25 -5.44
N PRO A 34 1.54 -21.30 -5.97
CA PRO A 34 2.32 -22.39 -6.60
C PRO A 34 3.11 -21.98 -7.83
N TYR A 35 2.65 -20.97 -8.57
CA TYR A 35 3.38 -20.57 -9.78
C TYR A 35 4.53 -19.62 -9.48
N ARG A 36 4.71 -19.18 -8.24
CA ARG A 36 5.83 -18.30 -7.90
C ARG A 36 6.97 -19.12 -7.31
N GLY A 37 8.19 -18.74 -7.67
CA GLY A 37 9.38 -19.35 -7.12
C GLY A 37 10.41 -18.30 -6.77
N ASP A 38 11.62 -18.74 -6.41
CA ASP A 38 12.69 -17.80 -6.13
C ASP A 38 12.95 -16.90 -7.32
N SER A 39 13.23 -15.63 -7.04
CA SER A 39 13.48 -14.66 -8.10
C SER A 39 14.25 -13.49 -7.53
N ALA A 40 15.00 -12.82 -8.41
CA ALA A 40 15.79 -11.63 -8.04
C ALA A 40 16.70 -11.91 -6.84
N LEU A 41 17.29 -13.11 -6.80
CA LEU A 41 18.18 -13.45 -5.69
C LEU A 41 19.49 -12.69 -5.76
N GLY A 42 19.78 -12.03 -6.88
CA GLY A 42 20.96 -11.20 -6.96
C GLY A 42 20.77 -9.76 -6.55
N ASP A 43 19.57 -9.37 -6.10
CA ASP A 43 19.36 -7.97 -5.73
C ASP A 43 20.29 -7.59 -4.58
N GLN A 44 21.08 -6.54 -4.79
CA GLN A 44 22.12 -6.19 -3.83
C GLN A 44 22.48 -4.72 -3.97
N GLY A 45 23.03 -4.18 -2.88
CA GLY A 45 23.55 -2.84 -2.88
C GLY A 45 24.91 -2.76 -3.55
N ASN A 46 25.43 -1.53 -3.63
CA ASN A 46 26.64 -1.29 -4.41
C ASN A 46 27.89 -1.87 -3.75
N GLN A 47 27.82 -2.18 -2.45
CA GLN A 47 28.89 -2.89 -1.78
C GLN A 47 28.49 -4.32 -1.47
N GLY A 48 27.52 -4.85 -2.22
CA GLY A 48 27.10 -6.23 -2.06
C GLY A 48 26.12 -6.49 -0.96
N GLN A 49 25.57 -5.45 -0.34
CA GLN A 49 24.60 -5.65 0.73
C GLN A 49 23.40 -6.44 0.22
N ASP A 50 22.98 -7.45 0.98
CA ASP A 50 21.82 -8.24 0.61
C ASP A 50 20.58 -7.36 0.53
N LEU A 51 19.97 -7.28 -0.65
CA LEU A 51 18.71 -6.58 -0.84
C LEU A 51 17.61 -7.50 -1.35
N THR A 52 17.73 -8.81 -1.09
CA THR A 52 16.67 -9.69 -1.57
C THR A 52 15.42 -9.53 -0.71
N GLY A 53 14.29 -9.83 -1.31
CA GLY A 53 13.02 -9.74 -0.65
C GLY A 53 12.18 -8.56 -1.13
N GLY A 54 11.27 -8.13 -0.26
CA GLY A 54 10.36 -7.06 -0.59
C GLY A 54 9.26 -7.52 -1.54
N TRP A 55 8.45 -6.55 -1.97
CA TRP A 55 7.38 -6.79 -2.93
C TRP A 55 7.69 -6.13 -4.26
N TYR A 56 7.41 -6.84 -5.34
CA TYR A 56 7.27 -6.20 -6.64
C TYR A 56 6.08 -5.24 -6.59
N ASP A 57 6.25 -4.04 -7.16
CA ASP A 57 5.29 -2.97 -6.92
C ASP A 57 3.90 -3.26 -7.50
N ALA A 58 3.85 -3.77 -8.73
CA ALA A 58 2.60 -3.80 -9.45
C ALA A 58 2.54 -5.07 -10.30
N GLY A 59 2.39 -4.93 -11.60
CA GLY A 59 2.50 -6.07 -12.49
C GLY A 59 3.87 -6.22 -13.07
N ASP A 60 4.82 -5.42 -12.58
CA ASP A 60 6.22 -5.36 -12.97
C ASP A 60 7.08 -5.99 -11.88
N HIS A 61 8.40 -5.81 -12.00
CA HIS A 61 9.31 -6.43 -11.06
C HIS A 61 10.26 -5.41 -10.45
N VAL A 62 9.88 -4.14 -10.46
CA VAL A 62 10.63 -3.10 -9.75
C VAL A 62 10.24 -3.12 -8.28
N LYS A 63 11.23 -2.91 -7.41
CA LYS A 63 10.98 -2.72 -5.99
C LYS A 63 11.06 -1.21 -5.74
N PHE A 64 9.90 -0.56 -5.76
CA PHE A 64 9.76 0.89 -5.56
C PHE A 64 9.54 1.14 -4.08
N GLY A 65 10.55 1.70 -3.39
CA GLY A 65 10.49 1.78 -1.94
C GLY A 65 9.40 2.69 -1.39
N PHE A 66 9.03 3.74 -2.14
CA PHE A 66 8.08 4.71 -1.60
C PHE A 66 6.68 4.12 -1.49
N PRO A 67 6.06 3.61 -2.56
CA PRO A 67 4.75 2.94 -2.38
C PRO A 67 4.85 1.68 -1.54
N MET A 68 5.99 0.97 -1.59
CA MET A 68 6.11 -0.24 -0.79
C MET A 68 6.01 0.10 0.68
N ALA A 69 6.69 1.18 1.10
CA ALA A 69 6.62 1.61 2.50
C ALA A 69 5.23 2.11 2.85
N PHE A 70 4.64 2.95 1.98
CA PHE A 70 3.32 3.49 2.30
C PHE A 70 2.29 2.37 2.41
N ALA A 71 2.33 1.39 1.50
CA ALA A 71 1.42 0.26 1.60
C ALA A 71 1.61 -0.46 2.93
N THR A 72 2.86 -0.60 3.37
CA THR A 72 3.12 -1.26 4.65
C THR A 72 2.61 -0.43 5.82
N THR A 73 2.85 0.89 5.82
CA THR A 73 2.31 1.72 6.90
C THR A 73 0.80 1.59 6.98
N THR A 74 0.13 1.65 5.83
CA THR A 74 -1.33 1.61 5.80
C THR A 74 -1.84 0.24 6.23
N LEU A 75 -1.19 -0.84 5.79
CA LEU A 75 -1.58 -2.18 6.23
C LEU A 75 -1.37 -2.35 7.73
N ALA A 76 -0.24 -1.86 8.25
CA ALA A 76 0.01 -1.97 9.68
C ALA A 76 -1.03 -1.20 10.48
N TRP A 77 -1.38 0.01 10.03
CA TRP A 77 -2.39 0.80 10.71
C TRP A 77 -3.70 0.04 10.79
N GLY A 78 -4.10 -0.60 9.69
CA GLY A 78 -5.35 -1.36 9.71
C GLY A 78 -5.28 -2.57 10.61
N ILE A 79 -4.10 -3.21 10.71
CA ILE A 79 -3.94 -4.31 11.64
C ILE A 79 -4.06 -3.83 13.08
N LEU A 80 -3.50 -2.65 13.37
CA LEU A 80 -3.63 -2.09 14.72
C LEU A 80 -5.10 -1.80 15.06
N GLU A 81 -5.80 -1.13 14.15
CA GLU A 81 -7.14 -0.65 14.48
C GLU A 81 -8.21 -1.71 14.33
N PHE A 82 -8.02 -2.65 13.41
CA PHE A 82 -9.04 -3.64 13.10
C PHE A 82 -8.54 -5.06 13.34
N ARG A 83 -7.65 -5.20 14.33
CA ARG A 83 -7.18 -6.53 14.73
C ARG A 83 -8.34 -7.49 14.94
N ASP A 84 -9.44 -7.03 15.57
CA ASP A 84 -10.56 -7.90 15.86
C ASP A 84 -11.16 -8.49 14.59
N GLY A 85 -11.20 -7.70 13.51
CA GLY A 85 -11.71 -8.21 12.25
C GLY A 85 -10.79 -9.24 11.61
N TYR A 86 -9.48 -8.95 11.63
CA TYR A 86 -8.51 -9.93 11.13
C TYR A 86 -8.59 -11.23 11.93
N GLU A 87 -8.69 -11.13 13.26
CA GLU A 87 -8.76 -12.32 14.10
C GLU A 87 -10.01 -13.13 13.81
N ALA A 88 -11.16 -12.44 13.67
CA ALA A 88 -12.40 -13.16 13.41
C ALA A 88 -12.36 -13.90 12.08
N ALA A 89 -11.63 -13.34 11.10
CA ALA A 89 -11.48 -13.95 9.79
C ALA A 89 -10.44 -15.05 9.76
N GLY A 90 -9.73 -15.29 10.86
CA GLY A 90 -8.65 -16.26 10.85
C GLY A 90 -7.44 -15.81 10.07
N GLN A 91 -7.28 -14.50 9.87
CA GLN A 91 -6.23 -13.96 9.00
C GLN A 91 -5.23 -13.07 9.72
N TYR A 92 -5.28 -13.01 11.06
CA TYR A 92 -4.40 -12.09 11.76
C TYR A 92 -2.94 -12.51 11.67
N ASN A 93 -2.65 -13.78 11.95
CA ASN A 93 -1.27 -14.24 11.85
C ASN A 93 -0.77 -14.12 10.41
N LEU A 94 -1.64 -14.38 9.43
CA LEU A 94 -1.23 -14.26 8.04
C LEU A 94 -0.99 -12.81 7.65
N ALA A 95 -1.77 -11.88 8.21
CA ALA A 95 -1.54 -10.45 7.97
C ALA A 95 -0.20 -10.01 8.54
N LEU A 96 0.14 -10.48 9.75
CA LEU A 96 1.44 -10.16 10.32
C LEU A 96 2.57 -10.73 9.44
N ASP A 97 2.43 -11.99 9.02
CA ASP A 97 3.41 -12.56 8.11
C ASP A 97 3.53 -11.74 6.84
N SER A 98 2.40 -11.19 6.37
CA SER A 98 2.39 -10.45 5.11
C SER A 98 3.31 -9.23 5.19
N ILE A 99 3.16 -8.41 6.23
CA ILE A 99 3.96 -7.21 6.32
C ILE A 99 5.32 -7.47 6.96
N ARG A 100 5.50 -8.58 7.69
CA ARG A 100 6.86 -8.92 8.11
C ARG A 100 7.80 -8.99 6.91
N TRP A 101 7.27 -9.40 5.76
CA TRP A 101 8.07 -9.52 4.55
C TRP A 101 8.67 -8.17 4.15
N THR A 102 7.84 -7.14 4.05
CA THR A 102 8.40 -5.85 3.64
C THR A 102 9.18 -5.18 4.76
N LEU A 103 8.78 -5.39 6.02
CA LEU A 103 9.54 -4.77 7.11
C LEU A 103 10.96 -5.32 7.15
N ASN A 104 11.12 -6.63 6.92
CA ASN A 104 12.45 -7.22 6.84
C ASN A 104 13.24 -6.65 5.67
N TYR A 105 12.56 -6.39 4.56
CA TYR A 105 13.23 -5.74 3.42
C TYR A 105 13.73 -4.35 3.80
N PHE A 106 12.89 -3.55 4.49
CA PHE A 106 13.32 -2.21 4.87
C PHE A 106 14.53 -2.25 5.78
N LEU A 107 14.60 -3.25 6.67
CA LEU A 107 15.78 -3.38 7.52
C LEU A 107 17.02 -3.64 6.68
N LYS A 108 16.93 -4.52 5.68
CA LYS A 108 18.05 -4.79 4.79
C LYS A 108 18.45 -3.54 4.01
N ALA A 109 17.46 -2.78 3.56
CA ALA A 109 17.76 -1.62 2.72
C ALA A 109 18.41 -0.50 3.51
N HIS A 110 18.23 -0.49 4.83
CA HIS A 110 18.81 0.55 5.68
C HIS A 110 20.23 0.09 6.04
N VAL A 111 21.14 0.28 5.07
CA VAL A 111 22.47 -0.34 5.18
C VAL A 111 23.38 0.37 6.18
N SER A 112 23.14 1.64 6.47
CA SER A 112 23.84 2.36 7.53
C SER A 112 22.91 3.48 7.97
N ASP A 113 23.30 4.17 9.06
CA ASP A 113 22.39 5.14 9.66
C ASP A 113 21.79 6.10 8.64
N ASN A 114 22.63 6.63 7.74
CA ASN A 114 22.21 7.67 6.82
C ASN A 114 22.27 7.21 5.36
N GLU A 115 22.13 5.91 5.11
CA GLU A 115 22.00 5.44 3.74
C GLU A 115 20.89 4.39 3.67
N PHE A 116 19.97 4.57 2.71
CA PHE A 116 18.80 3.71 2.60
C PHE A 116 18.53 3.41 1.14
N TYR A 117 18.48 2.13 0.79
CA TYR A 117 18.21 1.74 -0.60
C TYR A 117 16.72 1.88 -0.89
N GLY A 118 16.40 2.67 -1.91
CA GLY A 118 15.02 3.01 -2.21
C GLY A 118 14.49 2.44 -3.52
N GLN A 119 15.34 1.80 -4.33
CA GLN A 119 14.85 1.15 -5.54
C GLN A 119 15.78 0.02 -5.92
N VAL A 120 15.21 -1.11 -6.35
CA VAL A 120 15.96 -2.14 -7.05
C VAL A 120 15.23 -2.43 -8.36
N GLY A 121 15.96 -2.35 -9.47
CA GLY A 121 15.37 -2.52 -10.78
C GLY A 121 15.26 -1.19 -11.50
N ASP A 122 15.65 -1.18 -12.77
CA ASP A 122 15.48 -0.03 -13.64
C ASP A 122 14.10 -0.16 -14.27
N ALA A 123 13.22 0.82 -14.03
CA ALA A 123 11.84 0.65 -14.48
C ALA A 123 11.73 0.64 -15.99
N ASN A 124 12.64 1.34 -16.68
CA ASN A 124 12.62 1.31 -18.14
C ASN A 124 12.97 -0.07 -18.67
N THR A 125 14.06 -0.65 -18.17
N THR A 125 14.04 -0.68 -18.16
CA THR A 125 14.45 -2.01 -18.56
CA THR A 125 14.39 -2.01 -18.64
C THR A 125 13.40 -3.02 -18.12
C THR A 125 13.43 -3.07 -18.11
N ASP A 126 12.96 -2.90 -16.87
CA ASP A 126 12.00 -3.83 -16.31
C ASP A 126 10.71 -3.87 -17.13
N HIS A 127 10.18 -2.70 -17.49
CA HIS A 127 8.89 -2.69 -18.17
C HIS A 127 9.00 -3.09 -19.63
N ALA A 128 10.20 -3.05 -20.21
CA ALA A 128 10.40 -3.56 -21.57
C ALA A 128 10.34 -5.07 -21.64
N TYR A 129 10.42 -5.76 -20.49
CA TYR A 129 10.38 -7.20 -20.41
C TYR A 129 8.96 -7.64 -20.07
N TRP A 130 8.51 -8.72 -20.70
CA TRP A 130 7.29 -9.41 -20.29
C TRP A 130 7.61 -10.89 -20.10
N GLY A 131 7.46 -11.37 -18.89
CA GLY A 131 7.81 -12.74 -18.57
C GLY A 131 7.79 -12.92 -17.07
N ARG A 132 8.17 -14.12 -16.65
CA ARG A 132 8.19 -14.45 -15.23
C ARG A 132 9.30 -13.69 -14.51
N PRO A 133 9.08 -13.30 -13.24
CA PRO A 133 10.20 -12.79 -12.45
C PRO A 133 11.30 -13.81 -12.29
N GLU A 134 10.95 -15.09 -12.20
CA GLU A 134 11.93 -16.17 -12.05
C GLU A 134 12.83 -16.31 -13.28
N ASP A 135 12.41 -15.76 -14.42
CA ASP A 135 13.16 -15.88 -15.66
C ASP A 135 13.97 -14.64 -16.00
N MET A 136 13.93 -13.59 -15.17
CA MET A 136 14.62 -12.34 -15.47
C MET A 136 16.13 -12.55 -15.58
N THR A 137 16.74 -11.90 -16.57
CA THR A 137 18.19 -11.93 -16.70
C THR A 137 18.80 -10.55 -16.90
N MET A 138 17.98 -9.49 -16.90
CA MET A 138 18.51 -8.15 -17.12
C MET A 138 19.17 -7.61 -15.85
N GLU A 139 20.04 -6.62 -16.04
N GLU A 139 20.03 -6.61 -16.03
CA GLU A 139 20.63 -5.95 -14.87
CA GLU A 139 20.63 -5.94 -14.88
C GLU A 139 19.53 -5.30 -14.06
C GLU A 139 19.56 -5.25 -14.06
N ARG A 140 19.67 -5.36 -12.73
CA ARG A 140 18.73 -4.77 -11.80
C ARG A 140 19.51 -3.83 -10.89
N PRO A 141 19.77 -2.60 -11.33
CA PRO A 141 20.53 -1.67 -10.50
C PRO A 141 19.79 -1.35 -9.22
N ALA A 142 20.54 -0.97 -8.20
CA ALA A 142 19.99 -0.55 -6.92
C ALA A 142 20.46 0.86 -6.61
N TRP A 143 19.54 1.70 -6.15
CA TRP A 143 19.84 3.08 -5.84
C TRP A 143 19.45 3.42 -4.41
N SER A 144 20.26 4.24 -3.76
CA SER A 144 20.03 4.63 -2.38
C SER A 144 19.88 6.13 -2.24
N ILE A 145 19.24 6.53 -1.14
CA ILE A 145 19.28 7.91 -0.67
C ILE A 145 20.31 7.98 0.44
N SER A 146 20.89 9.17 0.61
CA SER A 146 22.03 9.39 1.49
C SER A 146 22.16 10.89 1.71
N PRO A 147 23.13 11.38 2.49
CA PRO A 147 23.25 12.84 2.64
C PRO A 147 23.48 13.56 1.32
N SER A 148 24.19 12.94 0.38
CA SER A 148 24.39 13.58 -0.92
C SER A 148 23.20 13.39 -1.84
N ALA A 149 22.29 12.49 -1.50
CA ALA A 149 21.15 12.13 -2.33
C ALA A 149 19.93 11.99 -1.44
N PRO A 150 19.44 13.10 -0.90
CA PRO A 150 18.41 13.01 0.16
C PRO A 150 17.07 12.54 -0.37
N GLY A 151 16.26 12.06 0.57
CA GLY A 151 14.92 11.62 0.24
C GLY A 151 14.06 11.63 1.49
N SER A 152 13.73 12.83 1.99
CA SER A 152 13.02 12.94 3.27
C SER A 152 11.68 12.24 3.23
N ASP A 153 11.00 12.32 2.08
CA ASP A 153 9.73 11.62 1.90
C ASP A 153 9.90 10.11 2.02
N LEU A 154 10.83 9.52 1.25
CA LEU A 154 11.01 8.08 1.30
C LEU A 154 11.49 7.64 2.66
N ALA A 155 12.42 8.38 3.25
CA ALA A 155 12.97 7.97 4.54
C ALA A 155 11.93 8.09 5.65
N ALA A 156 11.14 9.17 5.65
CA ALA A 156 10.14 9.32 6.71
C ALA A 156 8.97 8.37 6.53
N GLU A 157 8.59 8.05 5.28
CA GLU A 157 7.56 7.05 5.07
C GLU A 157 8.03 5.68 5.55
N THR A 158 9.29 5.35 5.28
CA THR A 158 9.79 4.07 5.77
C THR A 158 9.88 4.09 7.28
N ALA A 159 10.29 5.24 7.87
CA ALA A 159 10.27 5.35 9.32
C ALA A 159 8.86 5.15 9.86
N ALA A 160 7.85 5.67 9.16
CA ALA A 160 6.47 5.49 9.58
C ALA A 160 6.09 4.02 9.55
N ALA A 161 6.44 3.32 8.46
CA ALA A 161 6.14 1.90 8.36
C ALA A 161 6.83 1.10 9.46
N LEU A 162 8.07 1.46 9.77
CA LEU A 162 8.81 0.75 10.82
C LEU A 162 8.22 1.00 12.20
N ALA A 163 7.80 2.24 12.47
CA ALA A 163 7.18 2.52 13.77
C ALA A 163 5.82 1.86 13.88
N ALA A 164 5.03 1.89 12.80
CA ALA A 164 3.78 1.14 12.79
C ALA A 164 4.06 -0.34 12.99
N GLY A 165 5.11 -0.86 12.34
CA GLY A 165 5.49 -2.25 12.53
C GLY A 165 5.88 -2.57 13.96
N TYR A 166 6.65 -1.67 14.60
CA TYR A 166 6.96 -1.84 16.02
C TYR A 166 5.67 -2.02 16.84
N LEU A 167 4.68 -1.17 16.59
CA LEU A 167 3.43 -1.26 17.33
C LEU A 167 2.69 -2.57 17.05
N VAL A 168 2.74 -3.03 15.80
CA VAL A 168 2.04 -4.26 15.43
C VAL A 168 2.69 -5.47 16.10
N PHE A 169 4.01 -5.51 16.13
CA PHE A 169 4.73 -6.70 16.52
C PHE A 169 5.20 -6.72 17.97
N ARG A 170 5.09 -5.63 18.71
CA ARG A 170 5.79 -5.58 20.00
C ARG A 170 5.24 -6.60 21.00
N ASP A 171 3.97 -6.98 20.89
N ASP A 171 3.97 -6.99 20.88
CA ASP A 171 3.38 -7.92 21.85
CA ASP A 171 3.35 -7.92 21.81
C ASP A 171 3.52 -9.38 21.43
C ASP A 171 3.55 -9.37 21.43
N SER A 172 4.15 -9.66 20.29
CA SER A 172 4.41 -11.04 19.88
C SER A 172 5.84 -11.34 19.52
N ASP A 173 6.63 -10.33 19.11
CA ASP A 173 8.02 -10.53 18.71
C ASP A 173 8.77 -9.24 19.07
N ALA A 174 9.07 -9.08 20.36
CA ALA A 174 9.66 -7.83 20.83
C ALA A 174 11.03 -7.57 20.21
N ALA A 175 11.83 -8.63 19.99
CA ALA A 175 13.16 -8.41 19.39
C ALA A 175 13.03 -7.81 18.00
N PHE A 176 12.13 -8.36 17.19
CA PHE A 176 11.83 -7.78 15.88
C PHE A 176 11.31 -6.35 16.03
N ALA A 177 10.29 -6.17 16.86
CA ALA A 177 9.66 -4.86 16.99
C ALA A 177 10.66 -3.81 17.45
N ASN A 178 11.52 -4.16 18.40
CA ASN A 178 12.51 -3.21 18.89
C ASN A 178 13.50 -2.83 17.80
N ASN A 179 13.87 -3.79 16.95
CA ASN A 179 14.76 -3.50 15.82
C ASN A 179 14.07 -2.55 14.85
N LEU A 180 12.79 -2.78 14.56
CA LEU A 180 12.05 -1.87 13.69
C LEU A 180 12.05 -0.45 14.26
N LEU A 181 11.80 -0.31 15.56
CA LEU A 181 11.69 1.02 16.16
C LEU A 181 13.05 1.73 16.16
N ALA A 182 14.12 0.99 16.46
CA ALA A 182 15.44 1.62 16.44
C ALA A 182 15.74 2.17 15.05
N HIS A 183 15.45 1.40 14.01
CA HIS A 183 15.70 1.88 12.65
C HIS A 183 14.73 2.99 12.27
N SER A 184 13.49 2.94 12.77
CA SER A 184 12.57 4.04 12.53
C SER A 184 13.15 5.36 13.03
N ARG A 185 13.62 5.36 14.28
CA ARG A 185 14.20 6.58 14.84
C ARG A 185 15.36 7.07 13.98
N THR A 186 16.27 6.16 13.62
CA THR A 186 17.45 6.55 12.85
C THR A 186 17.05 7.10 11.48
N LEU A 187 16.14 6.41 10.79
CA LEU A 187 15.73 6.84 9.45
C LEU A 187 15.01 8.16 9.50
N TYR A 188 14.22 8.40 10.55
CA TYR A 188 13.51 9.66 10.66
C TYR A 188 14.49 10.81 10.90
N ASP A 189 15.49 10.60 11.76
CA ASP A 189 16.55 11.60 11.91
C ASP A 189 17.24 11.88 10.59
N PHE A 190 17.54 10.83 9.81
CA PHE A 190 18.11 11.02 8.50
C PHE A 190 17.18 11.87 7.62
N ALA A 191 15.89 11.53 7.59
CA ALA A 191 14.94 12.30 6.77
C ALA A 191 14.92 13.78 7.17
N LEU A 192 14.89 14.06 8.47
CA LEU A 192 14.80 15.43 8.96
C LEU A 192 16.05 16.25 8.65
N ASN A 193 17.22 15.62 8.69
CA ASN A 193 18.46 16.37 8.65
C ASN A 193 19.12 16.37 7.30
N ASN A 194 18.53 15.65 6.33
CA ASN A 194 19.05 15.56 4.96
C ASN A 194 17.82 15.70 4.07
N ARG A 195 17.52 16.93 3.65
CA ARG A 195 16.21 17.26 3.13
C ARG A 195 16.20 17.31 1.61
N GLY A 196 15.22 16.63 1.02
CA GLY A 196 15.04 16.65 -0.42
C GLY A 196 14.03 15.60 -0.83
N ILE A 197 13.69 15.64 -2.11
CA ILE A 197 12.68 14.76 -2.71
C ILE A 197 13.37 13.50 -3.24
N TYR A 198 12.93 12.32 -2.77
CA TYR A 198 13.69 11.11 -3.09
C TYR A 198 13.73 10.83 -4.58
N SER A 199 12.67 11.20 -5.32
CA SER A 199 12.58 10.90 -6.74
C SER A 199 13.35 11.90 -7.59
N GLN A 200 13.95 12.92 -6.96
CA GLN A 200 14.98 13.70 -7.62
C GLN A 200 16.36 13.08 -7.42
N SER A 201 16.61 12.48 -6.24
CA SER A 201 17.88 11.80 -5.97
C SER A 201 17.95 10.42 -6.62
N ILE A 202 16.84 9.69 -6.62
CA ILE A 202 16.71 8.45 -7.37
C ILE A 202 15.85 8.77 -8.59
N SER A 203 16.50 9.26 -9.65
CA SER A 203 15.74 9.86 -10.75
C SER A 203 14.95 8.82 -11.55
N ASN A 204 15.35 7.54 -11.51
CA ASN A 204 14.57 6.54 -12.23
C ASN A 204 13.15 6.46 -11.68
N ALA A 205 12.94 6.83 -10.41
CA ALA A 205 11.60 6.76 -9.83
C ALA A 205 10.68 7.87 -10.34
N ALA A 206 11.23 8.94 -10.91
CA ALA A 206 10.43 10.13 -11.21
C ALA A 206 9.35 9.84 -12.26
N GLY A 207 9.55 8.85 -13.12
CA GLY A 207 8.53 8.56 -14.10
C GLY A 207 7.37 7.71 -13.62
N PHE A 208 7.38 7.33 -12.34
CA PHE A 208 6.49 6.28 -11.86
C PHE A 208 5.90 6.63 -10.51
N TYR A 209 6.74 7.06 -9.56
CA TYR A 209 6.31 7.43 -8.21
C TYR A 209 6.99 8.74 -7.81
N ALA A 210 6.75 9.79 -8.60
CA ALA A 210 7.32 11.09 -8.29
C ALA A 210 6.63 11.68 -7.07
N SER A 211 7.43 12.06 -6.08
CA SER A 211 6.93 12.68 -4.86
C SER A 211 6.80 14.19 -5.07
N SER A 212 5.62 14.74 -4.74
CA SER A 212 5.41 16.16 -4.95
C SER A 212 5.92 17.02 -3.79
N ALA A 213 6.08 16.44 -2.61
CA ALA A 213 6.47 17.21 -1.43
C ALA A 213 6.75 16.22 -0.31
N TYR A 214 7.71 16.57 0.57
CA TYR A 214 8.07 15.67 1.66
C TYR A 214 7.59 16.14 3.03
N GLU A 215 7.03 17.35 3.15
CA GLU A 215 6.68 17.85 4.48
C GLU A 215 5.60 16.99 5.11
N ASP A 216 4.67 16.48 4.31
CA ASP A 216 3.61 15.67 4.88
C ASP A 216 4.16 14.33 5.36
N GLU A 217 5.18 13.79 4.69
CA GLU A 217 5.85 12.60 5.21
C GLU A 217 6.57 12.90 6.52
N LEU A 218 7.17 14.08 6.65
CA LEU A 218 7.83 14.39 7.92
C LEU A 218 6.82 14.44 9.06
N ALA A 219 5.64 15.00 8.80
CA ALA A 219 4.60 15.04 9.84
C ALA A 219 4.07 13.64 10.14
N TRP A 220 3.91 12.83 9.09
CA TRP A 220 3.41 11.45 9.20
C TRP A 220 4.38 10.57 9.97
N GLY A 221 5.67 10.62 9.62
CA GLY A 221 6.65 9.87 10.37
C GLY A 221 6.73 10.30 11.82
N ALA A 222 6.64 11.61 12.08
CA ALA A 222 6.64 12.10 13.45
C ALA A 222 5.42 11.60 14.22
N ALA A 223 4.25 11.60 13.57
CA ALA A 223 3.05 11.14 14.26
C ALA A 223 3.14 9.67 14.60
N TRP A 224 3.70 8.86 13.70
CA TRP A 224 3.87 7.44 14.01
C TRP A 224 4.91 7.23 15.10
N LEU A 225 5.99 8.00 15.07
CA LEU A 225 6.97 7.85 16.15
C LEU A 225 6.44 8.37 17.47
N TYR A 226 5.55 9.37 17.45
CA TYR A 226 4.93 9.78 18.70
C TYR A 226 4.00 8.68 19.23
N ARG A 227 3.25 8.03 18.34
CA ARG A 227 2.44 6.91 18.80
C ARG A 227 3.32 5.82 19.40
N ALA A 228 4.47 5.56 18.77
CA ALA A 228 5.33 4.46 19.21
C ALA A 228 6.06 4.78 20.51
N THR A 229 6.51 6.03 20.68
CA THR A 229 7.42 6.38 21.78
C THR A 229 6.82 7.32 22.83
N GLU A 230 5.75 8.04 22.49
N GLU A 230 5.75 8.04 22.49
CA GLU A 230 5.13 9.05 23.35
CA GLU A 230 5.13 9.05 23.35
C GLU A 230 6.12 10.15 23.75
C GLU A 230 6.11 10.15 23.76
N GLU A 231 7.15 10.39 22.96
CA GLU A 231 8.14 11.42 23.25
C GLU A 231 7.70 12.75 22.65
N GLN A 232 7.60 13.78 23.50
CA GLN A 232 7.06 15.07 23.10
C GLN A 232 7.73 15.64 21.85
N GLU A 233 9.04 15.39 21.68
N GLU A 233 9.03 15.38 21.69
CA GLU A 233 9.74 15.95 20.54
CA GLU A 233 9.78 15.90 20.54
C GLU A 233 9.11 15.52 19.22
C GLU A 233 9.11 15.53 19.23
N TYR A 234 8.55 14.32 19.15
CA TYR A 234 7.92 13.89 17.90
C TYR A 234 6.57 14.57 17.68
N LEU A 235 5.79 14.76 18.75
CA LEU A 235 4.56 15.54 18.62
C LEU A 235 4.87 16.94 18.15
N ASP A 236 5.95 17.53 18.69
CA ASP A 236 6.37 18.85 18.21
C ASP A 236 6.70 18.82 16.73
N ARG A 237 7.41 17.78 16.27
CA ARG A 237 7.72 17.66 14.84
C ARG A 237 6.47 17.55 14.00
N ALA A 238 5.46 16.83 14.51
CA ALA A 238 4.21 16.69 13.76
C ALA A 238 3.53 18.04 13.58
N TYR A 239 3.48 18.88 14.62
CA TYR A 239 2.91 20.21 14.46
C TYR A 239 3.79 21.09 13.58
N GLU A 240 5.11 20.89 13.63
CA GLU A 240 6.03 21.72 12.87
C GLU A 240 5.81 21.56 11.38
N PHE A 241 5.63 20.33 10.92
CA PHE A 241 5.50 20.06 9.50
C PHE A 241 4.08 19.75 9.07
N GLY A 242 3.15 19.61 10.03
CA GLY A 242 1.77 19.33 9.70
C GLY A 242 0.96 20.59 9.50
N THR A 243 -0.20 20.41 8.88
CA THR A 243 -1.12 21.52 8.63
C THR A 243 -2.42 21.28 9.38
N THR A 244 -2.92 22.33 10.02
CA THR A 244 -4.27 22.35 10.57
C THR A 244 -5.24 23.11 9.70
N THR A 245 -4.77 23.69 8.60
CA THR A 245 -5.58 24.58 7.78
C THR A 245 -5.90 24.03 6.40
N ASN A 246 -5.18 23.03 5.93
CA ASN A 246 -5.38 22.46 4.61
C ASN A 246 -6.07 21.10 4.71
N THR A 247 -7.01 20.86 3.81
CA THR A 247 -7.71 19.59 3.72
C THR A 247 -7.06 18.75 2.62
N ALA A 248 -6.82 17.47 2.92
CA ALA A 248 -6.25 16.58 1.92
C ALA A 248 -7.21 16.39 0.76
N TRP A 249 -6.64 16.26 -0.43
CA TRP A 249 -7.41 15.89 -1.61
C TRP A 249 -7.69 14.39 -1.61
N ALA A 250 -6.67 13.59 -1.34
CA ALA A 250 -6.84 12.16 -1.24
C ALA A 250 -5.91 11.63 -0.16
N TYR A 251 -6.09 10.36 0.19
CA TYR A 251 -5.12 9.63 0.99
C TYR A 251 -4.50 8.60 0.05
N ASP A 252 -3.18 8.65 -0.12
CA ASP A 252 -2.51 7.78 -1.08
C ASP A 252 -1.00 7.84 -0.80
N TRP A 253 -0.22 7.16 -1.64
CA TRP A 253 1.21 7.02 -1.41
C TRP A 253 1.96 8.34 -1.50
N ASN A 254 1.36 9.36 -2.11
CA ASN A 254 2.03 10.63 -2.25
C ASN A 254 1.60 11.66 -1.21
N GLU A 255 0.36 11.56 -0.71
CA GLU A 255 -0.25 12.59 0.13
C GLU A 255 -0.65 11.98 1.48
N LYS A 256 0.04 12.36 2.55
CA LYS A 256 -0.20 11.80 3.87
C LYS A 256 -1.05 12.69 4.77
N ILE A 257 -1.49 13.84 4.27
CA ILE A 257 -2.10 14.88 5.11
C ILE A 257 -3.23 14.33 5.98
N VAL A 258 -4.27 13.73 5.38
CA VAL A 258 -5.36 13.29 6.24
C VAL A 258 -4.96 12.09 7.08
N GLY A 259 -3.96 11.33 6.63
CA GLY A 259 -3.44 10.24 7.45
C GLY A 259 -2.88 10.74 8.78
N TYR A 260 -1.97 11.72 8.73
CA TYR A 260 -1.43 12.17 10.02
C TYR A 260 -2.45 13.01 10.79
N GLN A 261 -3.34 13.72 10.10
CA GLN A 261 -4.37 14.46 10.83
C GLN A 261 -5.25 13.50 11.62
N LEU A 262 -5.65 12.39 10.99
CA LEU A 262 -6.51 11.43 11.67
C LEU A 262 -5.75 10.69 12.76
N LEU A 263 -4.51 10.29 12.47
CA LEU A 263 -3.68 9.62 13.46
C LEU A 263 -3.48 10.48 14.71
N LEU A 264 -3.19 11.77 14.52
CA LEU A 264 -2.97 12.65 15.67
C LEU A 264 -4.27 12.91 16.43
N THR A 265 -5.39 13.02 15.71
CA THR A 265 -6.68 13.20 16.35
C THR A 265 -7.03 12.00 17.22
N THR A 266 -6.83 10.79 16.69
CA THR A 266 -7.33 9.60 17.35
C THR A 266 -6.34 9.01 18.34
N SER A 267 -5.14 8.67 17.87
N SER A 267 -5.14 8.67 17.88
CA SER A 267 -4.16 8.04 18.74
CA SER A 267 -4.17 8.03 18.76
C SER A 267 -3.55 9.03 19.74
C SER A 267 -3.55 9.03 19.74
N ALA A 268 -3.30 10.25 19.30
CA ALA A 268 -2.61 11.24 20.13
C ALA A 268 -3.57 12.22 20.80
N GLY A 269 -4.86 12.12 20.54
CA GLY A 269 -5.82 12.96 21.21
C GLY A 269 -5.72 14.44 20.89
N GLN A 270 -5.20 14.79 19.71
CA GLN A 270 -4.96 16.17 19.33
C GLN A 270 -6.17 16.73 18.58
N THR A 271 -6.88 17.67 19.22
CA THR A 271 -8.13 18.18 18.66
C THR A 271 -7.95 19.17 17.52
N ASP A 272 -6.76 19.79 17.37
CA ASP A 272 -6.57 20.82 16.35
C ASP A 272 -6.80 20.30 14.94
N PHE A 273 -6.61 18.99 14.72
CA PHE A 273 -6.66 18.43 13.37
C PHE A 273 -8.03 17.88 12.99
N LEU A 274 -8.92 17.71 13.95
CA LEU A 274 -10.23 17.10 13.66
C LEU A 274 -11.03 17.84 12.57
N PRO A 275 -11.09 19.17 12.54
CA PRO A 275 -11.87 19.82 11.46
C PRO A 275 -11.43 19.42 10.06
N ARG A 276 -10.12 19.21 9.84
CA ARG A 276 -9.66 18.82 8.52
C ARG A 276 -9.98 17.35 8.22
N VAL A 277 -10.00 16.51 9.24
CA VAL A 277 -10.48 15.14 9.03
C VAL A 277 -11.93 15.14 8.59
N GLU A 278 -12.76 15.93 9.27
CA GLU A 278 -14.17 15.98 8.92
C GLU A 278 -14.38 16.58 7.54
N ASN A 279 -13.59 17.61 7.18
CA ASN A 279 -13.65 18.15 5.83
C ASN A 279 -13.38 17.08 4.79
N PHE A 280 -12.31 16.30 4.98
CA PHE A 280 -11.97 15.22 4.06
C PHE A 280 -13.14 14.27 3.90
N LEU A 281 -13.67 13.77 5.03
CA LEU A 281 -14.76 12.82 4.99
C LEU A 281 -15.96 13.36 4.22
N ARG A 282 -16.38 14.59 4.55
N ARG A 282 -16.38 14.59 4.55
CA ARG A 282 -17.56 15.15 3.91
CA ARG A 282 -17.56 15.14 3.89
C ARG A 282 -17.31 15.42 2.42
C ARG A 282 -17.31 15.41 2.41
N ASN A 283 -16.06 15.71 2.05
CA ASN A 283 -15.73 15.87 0.64
C ASN A 283 -15.93 14.57 -0.13
N TRP A 284 -15.70 13.42 0.51
CA TRP A 284 -15.82 12.14 -0.15
C TRP A 284 -17.21 11.55 -0.06
N PHE A 285 -17.96 11.85 1.01
CA PHE A 285 -19.32 11.38 1.17
C PHE A 285 -20.19 11.85 0.01
N PRO A 286 -21.32 11.17 -0.24
CA PRO A 286 -22.30 11.72 -1.18
C PRO A 286 -22.61 13.17 -0.83
N GLY A 287 -22.80 13.99 -1.86
CA GLY A 287 -23.01 15.41 -1.68
C GLY A 287 -21.74 16.20 -1.52
N GLY A 288 -20.57 15.56 -1.56
CA GLY A 288 -19.32 16.25 -1.38
C GLY A 288 -18.73 16.74 -2.67
N SER A 289 -17.39 16.67 -2.77
CA SER A 289 -16.67 17.23 -3.91
C SER A 289 -16.10 16.16 -4.83
N VAL A 290 -16.35 14.89 -4.55
CA VAL A 290 -15.88 13.80 -5.39
C VAL A 290 -17.08 13.26 -6.17
N GLN A 291 -16.97 13.25 -7.50
N GLN A 291 -16.98 13.28 -7.50
CA GLN A 291 -18.06 12.74 -8.33
CA GLN A 291 -18.02 12.72 -8.35
C GLN A 291 -18.20 11.24 -8.15
C GLN A 291 -18.20 11.24 -8.07
N TYR A 292 -19.44 10.78 -8.17
CA TYR A 292 -19.77 9.36 -8.11
C TYR A 292 -20.19 8.90 -9.49
N THR A 293 -19.75 7.71 -9.86
CA THR A 293 -20.23 7.11 -11.09
C THR A 293 -21.72 6.86 -10.95
N PRO A 294 -22.43 6.70 -12.08
CA PRO A 294 -23.87 6.37 -11.99
C PRO A 294 -24.19 5.24 -11.04
N LEU A 295 -23.36 4.20 -10.97
CA LEU A 295 -23.63 3.04 -10.14
C LEU A 295 -22.97 3.11 -8.76
N GLY A 296 -22.37 4.25 -8.41
CA GLY A 296 -22.08 4.55 -7.03
C GLY A 296 -20.64 4.46 -6.57
N LEU A 297 -19.67 4.48 -7.47
CA LEU A 297 -18.26 4.50 -7.10
C LEU A 297 -17.81 5.95 -6.99
N ALA A 298 -17.25 6.32 -5.83
CA ALA A 298 -16.61 7.63 -5.70
C ALA A 298 -15.35 7.63 -6.56
N TRP A 299 -15.34 8.49 -7.58
CA TRP A 299 -14.39 8.39 -8.71
C TRP A 299 -13.55 9.66 -8.75
N LEU A 300 -12.33 9.58 -8.20
CA LEU A 300 -11.50 10.77 -8.07
C LEU A 300 -10.79 11.13 -9.37
N ALA A 301 -10.37 10.11 -10.13
CA ALA A 301 -9.55 10.30 -11.32
C ALA A 301 -9.48 8.95 -12.04
N GLN A 302 -9.00 8.97 -13.28
CA GLN A 302 -8.96 7.72 -14.04
C GLN A 302 -7.89 6.77 -13.54
N TRP A 303 -6.86 7.26 -12.85
CA TRP A 303 -5.76 6.39 -12.42
C TRP A 303 -6.11 5.77 -11.07
N GLY A 304 -6.36 4.46 -11.07
CA GLY A 304 -6.71 3.75 -9.87
C GLY A 304 -7.84 4.36 -9.05
N PRO A 305 -9.01 4.57 -9.66
CA PRO A 305 -10.14 5.08 -8.87
C PRO A 305 -10.52 4.16 -7.73
N ASN A 306 -10.42 2.84 -7.93
CA ASN A 306 -10.72 1.91 -6.84
C ASN A 306 -9.76 2.15 -5.69
N ARG A 307 -8.49 2.39 -6.00
CA ARG A 307 -7.47 2.65 -4.98
C ARG A 307 -7.81 3.90 -4.19
N TYR A 308 -8.15 4.99 -4.87
CA TYR A 308 -8.47 6.22 -4.14
C TYR A 308 -9.71 6.03 -3.26
N ALA A 309 -10.74 5.36 -3.79
CA ALA A 309 -11.97 5.19 -3.04
C ALA A 309 -11.76 4.24 -1.87
N ALA A 310 -11.00 3.16 -2.07
CA ALA A 310 -10.73 2.23 -0.98
C ALA A 310 -9.87 2.90 0.10
N ASN A 311 -8.95 3.78 -0.31
CA ASN A 311 -8.15 4.54 0.65
C ASN A 311 -9.03 5.47 1.48
N ALA A 312 -9.97 6.17 0.83
CA ALA A 312 -10.90 7.01 1.57
C ALA A 312 -11.80 6.17 2.47
N ALA A 313 -12.24 4.99 1.99
CA ALA A 313 -13.03 4.09 2.83
C ALA A 313 -12.24 3.69 4.07
N PHE A 314 -10.95 3.39 3.92
CA PHE A 314 -10.11 3.07 5.06
C PHE A 314 -10.06 4.22 6.07
N ILE A 315 -9.80 5.43 5.59
CA ILE A 315 -9.78 6.61 6.46
C ILE A 315 -11.11 6.76 7.17
N ALA A 316 -12.21 6.56 6.43
CA ALA A 316 -13.54 6.69 7.03
C ALA A 316 -13.79 5.65 8.11
N LEU A 317 -13.29 4.43 7.92
CA LEU A 317 -13.53 3.40 8.92
C LEU A 317 -12.65 3.57 10.15
N VAL A 318 -11.42 4.08 9.99
CA VAL A 318 -10.65 4.47 11.17
C VAL A 318 -11.36 5.58 11.91
N SER A 319 -11.86 6.58 11.16
CA SER A 319 -12.62 7.67 11.77
C SER A 319 -13.81 7.14 12.56
N ALA A 320 -14.58 6.22 11.96
CA ALA A 320 -15.76 5.69 12.64
C ALA A 320 -15.40 4.98 13.93
N LYS A 321 -14.28 4.24 13.93
CA LYS A 321 -13.86 3.53 15.13
C LYS A 321 -13.65 4.48 16.30
N TYR A 322 -13.19 5.70 16.03
CA TYR A 322 -12.99 6.70 17.07
C TYR A 322 -14.14 7.69 17.14
N ASN A 323 -15.31 7.29 16.63
CA ASN A 323 -16.57 8.00 16.80
C ASN A 323 -16.53 9.38 16.13
N ILE A 324 -15.84 9.46 15.00
CA ILE A 324 -15.83 10.62 14.13
C ILE A 324 -16.79 10.34 12.97
N LEU A 325 -17.92 11.04 12.95
CA LEU A 325 -18.95 10.88 11.91
C LEU A 325 -19.18 9.40 11.60
N ALA A 326 -19.39 8.62 12.65
CA ALA A 326 -19.29 7.16 12.55
C ALA A 326 -20.35 6.59 11.61
N SER A 327 -21.62 6.96 11.78
N SER A 327 -21.62 6.96 11.78
CA SER A 327 -22.67 6.38 10.96
CA SER A 327 -22.67 6.38 10.96
C SER A 327 -22.46 6.72 9.48
C SER A 327 -22.47 6.72 9.48
N GLU A 328 -22.21 7.99 9.18
CA GLU A 328 -21.99 8.38 7.79
C GLU A 328 -20.71 7.76 7.23
N SER A 329 -19.66 7.66 8.06
CA SER A 329 -18.40 7.08 7.60
C SER A 329 -18.56 5.59 7.29
N GLU A 330 -19.28 4.86 8.14
CA GLU A 330 -19.49 3.43 7.91
C GLU A 330 -20.32 3.20 6.65
N GLN A 331 -21.37 3.98 6.44
N GLN A 331 -21.37 3.99 6.46
CA GLN A 331 -22.20 3.80 5.25
CA GLN A 331 -22.21 3.83 5.26
C GLN A 331 -21.42 4.14 3.99
C GLN A 331 -21.40 4.13 4.00
N PHE A 332 -20.66 5.23 3.99
CA PHE A 332 -19.85 5.58 2.83
C PHE A 332 -18.82 4.49 2.56
N ALA A 333 -18.10 4.07 3.60
CA ALA A 333 -17.05 3.07 3.42
C ALA A 333 -17.61 1.75 2.91
N ARG A 334 -18.71 1.27 3.51
CA ARG A 334 -19.32 0.04 3.03
C ARG A 334 -19.76 0.17 1.58
N SER A 335 -20.30 1.32 1.19
CA SER A 335 -20.78 1.46 -0.19
C SER A 335 -19.62 1.31 -1.17
N GLN A 336 -18.44 1.82 -0.80
CA GLN A 336 -17.32 1.81 -1.73
C GLN A 336 -16.69 0.42 -1.82
N ILE A 337 -16.44 -0.21 -0.67
CA ILE A 337 -15.91 -1.58 -0.68
C ILE A 337 -16.89 -2.51 -1.39
N HIS A 338 -18.19 -2.35 -1.15
CA HIS A 338 -19.14 -3.26 -1.78
C HIS A 338 -19.26 -3.03 -3.28
N TYR A 339 -19.03 -1.79 -3.75
CA TYR A 339 -18.90 -1.61 -5.19
C TYR A 339 -17.77 -2.49 -5.73
N MET A 340 -16.63 -2.46 -5.05
CA MET A 340 -15.46 -3.21 -5.52
C MET A 340 -15.67 -4.72 -5.41
N LEU A 341 -16.50 -5.17 -4.47
CA LEU A 341 -16.74 -6.60 -4.33
C LEU A 341 -17.81 -7.12 -5.28
N GLY A 342 -18.59 -6.24 -5.89
CA GLY A 342 -19.54 -6.71 -6.89
C GLY A 342 -20.88 -6.02 -7.03
N ASP A 343 -21.12 -4.91 -6.30
CA ASP A 343 -22.45 -4.29 -6.30
C ASP A 343 -22.91 -3.85 -7.69
N ALA A 344 -21.99 -3.47 -8.56
CA ALA A 344 -22.37 -2.97 -9.88
C ALA A 344 -22.51 -4.07 -10.92
N GLY A 345 -22.43 -5.33 -10.51
CA GLY A 345 -22.65 -6.45 -11.39
C GLY A 345 -21.46 -7.36 -11.58
N ARG A 346 -20.26 -6.90 -11.21
N ARG A 346 -20.26 -6.90 -11.23
CA ARG A 346 -19.07 -7.72 -11.31
CA ARG A 346 -19.08 -7.74 -11.31
C ARG A 346 -18.12 -7.32 -10.21
C ARG A 346 -18.07 -7.31 -10.27
N SER A 347 -17.33 -8.29 -9.76
CA SER A 347 -16.27 -8.01 -8.81
C SER A 347 -15.10 -7.33 -9.50
N TYR A 348 -14.44 -6.43 -8.77
CA TYR A 348 -13.19 -5.83 -9.21
C TYR A 348 -12.00 -6.42 -8.48
N VAL A 349 -12.21 -7.51 -7.73
CA VAL A 349 -11.15 -8.20 -7.02
C VAL A 349 -10.90 -9.51 -7.75
N VAL A 350 -9.69 -9.67 -8.30
CA VAL A 350 -9.37 -10.85 -9.08
C VAL A 350 -9.55 -12.09 -8.23
N GLY A 351 -10.14 -13.13 -8.82
CA GLY A 351 -10.30 -14.37 -8.08
C GLY A 351 -11.36 -14.37 -7.01
N PHE A 352 -12.21 -13.35 -6.97
CA PHE A 352 -13.25 -13.26 -5.96
C PHE A 352 -14.59 -12.87 -6.57
N GLY A 353 -15.64 -13.56 -6.14
CA GLY A 353 -16.98 -13.07 -6.41
C GLY A 353 -17.47 -13.36 -7.81
N ASN A 354 -18.35 -12.47 -8.30
CA ASN A 354 -19.02 -12.68 -9.57
C ASN A 354 -18.24 -12.04 -10.70
N ASN A 355 -17.87 -12.86 -11.68
CA ASN A 355 -17.20 -12.41 -12.89
C ASN A 355 -16.02 -11.48 -12.59
N PRO A 356 -15.07 -11.89 -11.77
CA PRO A 356 -13.95 -11.01 -11.42
C PRO A 356 -13.08 -10.73 -12.62
N PRO A 357 -12.23 -9.71 -12.57
CA PRO A 357 -11.36 -9.40 -13.72
C PRO A 357 -10.44 -10.56 -14.06
N GLN A 358 -10.37 -10.88 -15.35
CA GLN A 358 -9.63 -12.03 -15.82
C GLN A 358 -8.26 -11.66 -16.38
N GLN A 359 -8.00 -10.40 -16.67
CA GLN A 359 -6.76 -9.99 -17.34
C GLN A 359 -6.06 -8.88 -16.58
N PRO A 360 -5.73 -9.10 -15.31
CA PRO A 360 -4.94 -8.07 -14.61
C PRO A 360 -3.61 -7.85 -15.33
N HIS A 361 -3.19 -6.60 -15.38
CA HIS A 361 -1.93 -6.20 -16.03
C HIS A 361 -0.78 -6.61 -15.13
N HIS A 362 -0.40 -7.89 -15.22
CA HIS A 362 0.42 -8.51 -14.19
C HIS A 362 1.20 -9.66 -14.80
N ARG A 363 2.53 -9.57 -14.76
CA ARG A 363 3.36 -10.48 -15.53
C ARG A 363 3.28 -11.92 -15.04
N SER A 364 3.55 -12.16 -13.75
CA SER A 364 3.66 -13.57 -13.33
C SER A 364 2.33 -14.31 -13.49
N SER A 365 1.20 -13.67 -13.17
CA SER A 365 -0.06 -14.39 -13.35
C SER A 365 -0.43 -14.55 -14.83
N SER A 366 0.13 -13.72 -15.70
CA SER A 366 -0.13 -13.86 -17.13
C SER A 366 0.61 -15.03 -17.75
N CYS A 367 1.60 -15.62 -17.02
CA CYS A 367 2.38 -16.70 -17.61
C CYS A 367 1.72 -18.06 -17.36
N PRO A 368 1.75 -18.96 -18.33
CA PRO A 368 1.28 -20.33 -18.09
C PRO A 368 2.19 -21.05 -17.11
N ASP A 369 1.69 -22.17 -16.59
CA ASP A 369 2.50 -23.03 -15.73
C ASP A 369 3.83 -23.37 -16.39
N GLU A 370 4.88 -23.45 -15.58
CA GLU A 370 6.13 -24.08 -16.02
C GLU A 370 5.82 -25.48 -16.56
N PRO A 371 6.57 -25.95 -17.58
CA PRO A 371 7.73 -25.29 -18.17
C PRO A 371 7.40 -24.47 -19.44
N ALA A 372 6.14 -24.07 -19.59
CA ALA A 372 5.74 -23.36 -20.80
C ALA A 372 6.46 -22.02 -20.91
N GLU A 373 6.62 -21.56 -22.16
N GLU A 373 6.64 -21.57 -22.16
CA GLU A 373 7.25 -20.28 -22.43
CA GLU A 373 7.26 -20.28 -22.40
C GLU A 373 6.36 -19.13 -21.98
C GLU A 373 6.36 -19.15 -21.92
N CYS A 374 6.99 -18.04 -21.52
CA CYS A 374 6.26 -16.81 -21.22
C CYS A 374 7.03 -15.64 -21.78
N ASP A 375 6.41 -14.90 -22.70
CA ASP A 375 7.01 -13.69 -23.22
C ASP A 375 5.91 -12.71 -23.64
N TRP A 376 6.19 -11.82 -24.61
CA TRP A 376 5.15 -10.85 -24.95
C TRP A 376 3.92 -11.49 -25.60
N ASP A 377 3.99 -12.75 -26.05
CA ASP A 377 2.78 -13.43 -26.49
C ASP A 377 1.75 -13.47 -25.37
N GLU A 378 2.23 -13.67 -24.15
CA GLU A 378 1.33 -13.73 -23.00
C GLU A 378 0.79 -12.37 -22.61
N PHE A 379 1.48 -11.28 -22.97
CA PHE A 379 0.87 -9.96 -22.82
C PHE A 379 -0.30 -9.79 -23.77
N ASN A 380 -0.11 -10.21 -25.02
CA ASN A 380 -1.07 -9.95 -26.08
C ASN A 380 -2.24 -10.93 -26.09
N GLN A 381 -2.10 -12.11 -25.49
CA GLN A 381 -3.09 -13.15 -25.74
C GLN A 381 -4.47 -12.70 -25.27
N PRO A 382 -5.53 -13.01 -26.02
CA PRO A 382 -6.83 -12.38 -25.80
C PRO A 382 -7.67 -12.99 -24.69
N GLY A 383 -7.19 -14.03 -24.02
CA GLY A 383 -7.95 -14.70 -22.98
C GLY A 383 -7.44 -14.41 -21.59
N PRO A 384 -7.99 -15.12 -20.61
CA PRO A 384 -7.67 -14.84 -19.20
C PRO A 384 -6.21 -15.14 -18.86
N ASN A 385 -5.67 -14.38 -17.92
CA ASN A 385 -4.39 -14.75 -17.33
C ASN A 385 -4.45 -16.21 -16.86
N TYR A 386 -3.40 -16.97 -17.17
CA TYR A 386 -3.37 -18.41 -16.88
C TYR A 386 -3.50 -18.70 -15.39
N GLN A 387 -2.90 -17.87 -14.54
CA GLN A 387 -2.99 -18.00 -13.10
C GLN A 387 -3.96 -16.98 -12.55
N ILE A 388 -4.74 -17.38 -11.55
CA ILE A 388 -5.68 -16.47 -10.88
C ILE A 388 -4.93 -15.69 -9.80
N LEU A 389 -4.84 -14.37 -9.99
CA LEU A 389 -4.13 -13.51 -9.04
C LEU A 389 -5.10 -13.13 -7.91
N TYR A 390 -5.41 -14.13 -7.08
CA TYR A 390 -6.38 -13.97 -6.00
C TYR A 390 -6.14 -12.69 -5.23
N GLY A 391 -7.20 -11.92 -5.04
CA GLY A 391 -7.17 -10.81 -4.12
C GLY A 391 -6.80 -9.46 -4.69
N ALA A 392 -6.26 -9.40 -5.91
CA ALA A 392 -5.79 -8.11 -6.45
C ALA A 392 -6.97 -7.20 -6.80
N LEU A 393 -6.99 -6.01 -6.22
CA LEU A 393 -7.95 -4.98 -6.60
C LEU A 393 -7.44 -4.25 -7.85
N VAL A 394 -8.19 -4.34 -8.96
CA VAL A 394 -7.76 -3.68 -10.18
C VAL A 394 -8.04 -2.19 -10.09
N GLY A 395 -7.40 -1.42 -10.99
CA GLY A 395 -7.55 0.02 -11.00
C GLY A 395 -9.01 0.45 -10.99
N GLY A 396 -9.82 -0.14 -11.86
CA GLY A 396 -11.25 0.05 -11.81
C GLY A 396 -11.83 0.61 -13.10
N PRO A 397 -13.13 0.90 -13.08
CA PRO A 397 -13.83 1.32 -14.29
C PRO A 397 -13.58 2.79 -14.61
N ASP A 398 -14.07 3.21 -15.78
CA ASP A 398 -14.09 4.63 -16.09
C ASP A 398 -15.21 5.32 -15.31
N GLN A 399 -15.39 6.61 -15.56
N GLN A 399 -15.38 6.61 -15.54
CA GLN A 399 -16.36 7.39 -14.80
CA GLN A 399 -16.37 7.36 -14.78
C GLN A 399 -17.80 7.01 -15.13
C GLN A 399 -17.80 6.94 -15.08
N ASN A 400 -18.02 6.18 -16.15
CA ASN A 400 -19.34 5.67 -16.50
C ASN A 400 -19.48 4.19 -16.18
N ASP A 401 -18.66 3.68 -15.25
CA ASP A 401 -18.71 2.30 -14.76
C ASP A 401 -18.28 1.27 -15.78
N GLN A 402 -17.64 1.69 -16.88
CA GLN A 402 -17.28 0.76 -17.94
C GLN A 402 -15.89 0.16 -17.71
N PHE A 403 -15.75 -1.11 -18.04
CA PHE A 403 -14.53 -1.87 -17.80
C PHE A 403 -14.44 -2.92 -18.88
N GLU A 404 -13.37 -2.90 -19.67
N GLU A 404 -13.37 -2.89 -19.67
CA GLU A 404 -13.22 -3.84 -20.77
CA GLU A 404 -13.21 -3.83 -20.78
C GLU A 404 -12.48 -5.11 -20.39
C GLU A 404 -12.47 -5.10 -20.39
N ASP A 405 -11.78 -5.10 -19.26
CA ASP A 405 -11.01 -6.25 -18.77
C ASP A 405 -10.02 -6.73 -19.82
N LEU A 406 -9.12 -5.83 -20.21
CA LEU A 406 -8.07 -6.13 -21.18
C LEU A 406 -6.71 -5.93 -20.53
N ARG A 407 -5.82 -6.92 -20.71
CA ARG A 407 -4.51 -6.85 -20.07
C ARG A 407 -3.72 -5.64 -20.53
N SER A 408 -3.95 -5.20 -21.77
CA SER A 408 -3.28 -4.03 -22.34
C SER A 408 -3.79 -2.73 -21.77
N ASP A 409 -4.92 -2.75 -21.05
CA ASP A 409 -5.46 -1.54 -20.44
C ASP A 409 -4.67 -1.30 -19.16
N TYR A 410 -3.51 -0.64 -19.32
CA TYR A 410 -2.60 -0.47 -18.20
C TYR A 410 -3.12 0.49 -17.15
N ILE A 411 -4.25 1.16 -17.41
CA ILE A 411 -4.87 2.02 -16.41
C ILE A 411 -5.93 1.23 -15.65
N ARG A 412 -6.97 0.78 -16.34
CA ARG A 412 -8.09 0.15 -15.63
C ARG A 412 -7.73 -1.24 -15.11
N ASN A 413 -6.84 -1.95 -15.80
CA ASN A 413 -6.52 -3.32 -15.40
C ASN A 413 -5.23 -3.40 -14.58
N GLU A 414 -4.71 -2.25 -14.16
CA GLU A 414 -3.53 -2.22 -13.30
C GLU A 414 -3.85 -2.85 -11.94
N VAL A 415 -2.83 -3.47 -11.36
CA VAL A 415 -2.86 -3.93 -9.97
C VAL A 415 -1.59 -3.40 -9.32
N ALA A 416 -1.63 -3.21 -8.00
CA ALA A 416 -0.44 -2.64 -7.34
C ALA A 416 -0.55 -2.82 -5.83
N ASN A 417 0.62 -2.83 -5.19
CA ASN A 417 0.68 -2.94 -3.74
C ASN A 417 -0.22 -1.90 -3.08
N ASP A 418 -0.11 -0.64 -3.51
CA ASP A 418 -0.86 0.41 -2.83
C ASP A 418 -2.35 0.30 -3.13
N TYR A 419 -2.73 -0.33 -4.24
CA TYR A 419 -4.15 -0.47 -4.53
C TYR A 419 -4.85 -1.26 -3.44
N ASN A 420 -4.20 -2.28 -2.91
CA ASN A 420 -4.83 -3.16 -1.94
C ASN A 420 -4.68 -2.70 -0.50
N ALA A 421 -3.87 -1.67 -0.24
CA ALA A 421 -3.44 -1.42 1.14
C ALA A 421 -4.58 -0.84 1.99
N GLY A 422 -5.23 0.21 1.50
CA GLY A 422 -6.38 0.74 2.21
C GLY A 422 -7.56 -0.22 2.15
N PHE A 423 -7.75 -0.82 0.97
CA PHE A 423 -8.81 -1.80 0.75
C PHE A 423 -8.80 -2.90 1.82
N GLN A 424 -7.63 -3.50 2.05
CA GLN A 424 -7.58 -4.65 2.94
C GLN A 424 -7.95 -4.25 4.37
N GLY A 425 -7.46 -3.11 4.85
CA GLY A 425 -7.84 -2.66 6.18
C GLY A 425 -9.31 -2.33 6.27
N ALA A 426 -9.87 -1.75 5.21
CA ALA A 426 -11.29 -1.43 5.19
C ALA A 426 -12.14 -2.69 5.29
N VAL A 427 -11.73 -3.76 4.58
CA VAL A 427 -12.47 -5.01 4.67
C VAL A 427 -12.40 -5.56 6.10
N ALA A 428 -11.22 -5.48 6.72
CA ALA A 428 -11.09 -5.95 8.10
C ALA A 428 -11.97 -5.12 9.03
N ALA A 429 -12.06 -3.81 8.78
CA ALA A 429 -12.94 -2.96 9.57
C ALA A 429 -14.38 -3.38 9.41
N LEU A 430 -14.81 -3.69 8.18
CA LEU A 430 -16.20 -4.11 8.00
C LEU A 430 -16.46 -5.44 8.68
N ARG A 431 -15.47 -6.35 8.65
CA ARG A 431 -15.61 -7.60 9.39
C ARG A 431 -15.77 -7.34 10.88
N ALA A 432 -14.99 -6.38 11.41
CA ALA A 432 -15.08 -6.07 12.83
C ALA A 432 -16.44 -5.49 13.21
N ILE A 433 -17.03 -4.69 12.31
CA ILE A 433 -18.34 -4.12 12.58
C ILE A 433 -19.38 -5.23 12.68
N GLN A 434 -19.21 -6.31 11.91
CA GLN A 434 -20.10 -7.47 12.04
C GLN A 434 -20.05 -8.05 13.45
N LEU A 435 -18.86 -8.10 14.06
CA LEU A 435 -18.77 -8.56 15.44
C LEU A 435 -19.45 -7.59 16.40
N ARG A 436 -19.28 -6.28 16.16
CA ARG A 436 -19.89 -5.28 17.02
C ARG A 436 -21.40 -5.38 16.98
N ASP A 437 -21.96 -5.59 15.78
CA ASP A 437 -23.39 -5.66 15.58
C ASP A 437 -23.83 -7.12 15.42
MG MG B . -1.54 -22.57 -12.92
CA CA C . 4.19 13.82 0.21
NA NA D . 14.89 -21.11 -0.42
C1 GOL E . -21.80 -17.48 -8.55
O1 GOL E . -22.98 -16.69 -8.61
C2 GOL E . -20.66 -16.67 -9.17
O2 GOL E . -20.65 -15.42 -8.53
C3 GOL E . -19.35 -17.40 -8.90
O3 GOL E . -18.27 -16.70 -9.53
#